data_7ZTM
#
_entry.id   7ZTM
#
_cell.length_a   49.622
_cell.length_b   60.563
_cell.length_c   80.883
_cell.angle_alpha   90.000
_cell.angle_beta   90.000
_cell.angle_gamma   90.000
#
_symmetry.space_group_name_H-M   'P 21 21 21'
#
loop_
_entity.id
_entity.type
_entity.pdbx_description
1 polymer 'Serine protease subunit NS2B'
2 polymer 'Serine protease NS3'
3 non-polymer 1-[(5R,8R,15S,18S)-15-(4-azanylbutyl)-5-(cyclohexylmethyl)-18-(naphthalen-2-ylmethyl)-4,7,14,17,20-pentakis(oxidanylidene)-3,6,13,16,19-pentazabicyclo[20.3.1]hexacosa-1(25),22(26),23-trien-8-yl]guanidine
4 water water
#
loop_
_entity_poly.entity_id
_entity_poly.type
_entity_poly.pdbx_seq_one_letter_code
_entity_poly.pdbx_strand_id
1 'polypeptide(L)' MTGKSVDMYIERAGDITWEKDAEVTGNSPRLDVALDESGDFSLVEEDGPPMRE A
2 'polypeptide(L)'
;GSGALWDVPAPKEVKKGETTDGVYRVMTRRLLGSTQVGVGVMQEGVFHTMWHVTKGAALRSGEGRLDPYWGDVKQDLVSY
CGPWKLDAAWDGLSEVQLLAVPPGERAKNIQTLPGIFKTKDGDIGAVALDYPAGTSGSPILDKCGRVIGLYGNGVVIKNG
SYVSAITQGKREEETPVE
;
B
#
loop_
_chem_comp.id
_chem_comp.type
_chem_comp.name
_chem_comp.formula
JVU non-polymer 1-[(5R,8R,15S,18S)-15-(4-azanylbutyl)-5-(cyclohexylmethyl)-18-(naphthalen-2-ylmethyl)-4,7,14,17,20-pentakis(oxidanylidene)-3,6,13,16,19-pentazabicyclo[20.3.1]hexacosa-1(25),22(26),23-trien-8-yl]guanidine 'C44 H61 N9 O5'
#
# COMPACT_ATOMS: atom_id res chain seq x y z
N VAL A 6 -21.80 -9.77 -0.57
CA VAL A 6 -21.10 -8.63 0.01
C VAL A 6 -20.69 -7.59 -1.03
N ASP A 7 -21.12 -6.35 -0.81
CA ASP A 7 -20.85 -5.25 -1.73
C ASP A 7 -19.50 -4.65 -1.34
N MET A 8 -18.46 -5.04 -2.06
CA MET A 8 -17.16 -4.41 -1.96
C MET A 8 -17.04 -3.38 -3.07
N TYR A 9 -16.70 -2.15 -2.71
CA TYR A 9 -16.74 -1.04 -3.64
C TYR A 9 -15.63 -0.05 -3.32
N ILE A 10 -15.31 0.81 -4.28
CA ILE A 10 -14.27 1.81 -4.09
C ILE A 10 -14.85 3.21 -4.17
N GLU A 11 -14.21 4.14 -3.48
CA GLU A 11 -14.57 5.55 -3.55
C GLU A 11 -13.33 6.41 -3.52
N ARG A 12 -13.27 7.41 -4.38
CA ARG A 12 -12.07 8.22 -4.49
C ARG A 12 -11.82 8.95 -3.17
N ALA A 13 -10.55 9.03 -2.80
CA ALA A 13 -10.15 9.70 -1.57
C ALA A 13 -9.17 10.84 -1.79
N GLY A 14 -8.59 10.96 -2.98
CA GLY A 14 -7.69 12.06 -3.20
C GLY A 14 -6.84 11.91 -4.44
N ASP A 15 -6.08 12.95 -4.70
CA ASP A 15 -5.09 12.98 -5.76
C ASP A 15 -3.78 12.48 -5.19
N ILE A 16 -3.00 11.79 -6.02
CA ILE A 16 -1.71 11.25 -5.56
C ILE A 16 -0.66 12.30 -5.86
N THR A 17 -0.26 13.05 -4.83
CA THR A 17 0.75 14.07 -5.01
C THR A 17 1.63 14.16 -3.76
N TRP A 18 2.89 14.52 -3.98
CA TRP A 18 3.81 14.81 -2.90
C TRP A 18 3.47 16.15 -2.27
N GLU A 19 3.55 16.21 -0.94
CA GLU A 19 3.24 17.42 -0.19
C GLU A 19 4.54 18.15 0.17
N LYS A 20 4.68 19.39 -0.28
CA LYS A 20 5.83 20.19 0.08
C LYS A 20 5.75 20.59 1.55
N ASP A 21 6.91 20.66 2.20
CA ASP A 21 7.00 20.97 3.62
C ASP A 21 5.99 20.13 4.41
N ALA A 22 6.30 18.84 4.50
CA ALA A 22 5.45 17.87 5.17
C ALA A 22 6.07 17.46 6.51
N GLU A 23 5.25 16.79 7.32
CA GLU A 23 5.72 16.28 8.60
C GLU A 23 6.68 15.12 8.36
N VAL A 24 7.89 15.23 8.91
CA VAL A 24 8.95 14.23 8.76
C VAL A 24 9.09 13.50 10.09
N THR A 25 8.70 12.23 10.12
CA THR A 25 8.71 11.49 11.37
C THR A 25 9.02 10.03 11.12
N GLY A 26 9.17 9.31 12.22
CA GLY A 26 9.48 7.89 12.18
C GLY A 26 10.96 7.65 12.12
N ASN A 27 11.36 6.46 12.53
CA ASN A 27 12.76 6.08 12.50
C ASN A 27 12.99 5.23 11.25
N SER A 28 14.20 4.66 11.13
CA SER A 28 14.64 3.97 9.92
C SER A 28 15.28 2.65 10.34
N PRO A 29 14.47 1.69 10.79
CA PRO A 29 15.05 0.47 11.34
C PRO A 29 15.63 -0.42 10.27
N ARG A 30 16.74 -1.08 10.59
CA ARG A 30 17.36 -2.07 9.72
C ARG A 30 17.13 -3.44 10.35
N LEU A 31 16.26 -4.23 9.73
CA LEU A 31 15.74 -5.45 10.30
C LEU A 31 16.02 -6.65 9.41
N ASP A 32 16.38 -7.77 10.03
CA ASP A 32 16.56 -9.03 9.31
C ASP A 32 15.22 -9.76 9.31
N VAL A 33 14.71 -10.03 8.11
CA VAL A 33 13.33 -10.46 7.93
C VAL A 33 13.26 -11.66 7.00
N ALA A 34 12.24 -12.49 7.22
CA ALA A 34 11.93 -13.60 6.33
C ALA A 34 10.49 -13.48 5.84
N LEU A 35 10.24 -13.99 4.65
CA LEU A 35 8.94 -13.89 4.00
C LEU A 35 8.50 -15.30 3.61
N ASP A 36 7.35 -15.74 4.10
CA ASP A 36 6.88 -17.08 3.79
C ASP A 36 5.99 -17.07 2.54
N GLU A 37 5.61 -18.26 2.10
CA GLU A 37 4.88 -18.35 0.84
C GLU A 37 3.47 -17.80 0.93
N SER A 38 2.95 -17.57 2.14
CA SER A 38 1.64 -16.99 2.36
C SER A 38 1.70 -15.48 2.44
N GLY A 39 2.87 -14.89 2.24
CA GLY A 39 3.00 -13.46 2.26
C GLY A 39 3.16 -12.85 3.64
N ASP A 40 3.59 -13.64 4.62
CA ASP A 40 3.75 -13.15 5.98
C ASP A 40 5.23 -12.93 6.27
N PHE A 41 5.55 -11.72 6.74
CA PHE A 41 6.90 -11.38 7.18
C PHE A 41 7.06 -11.75 8.65
N SER A 42 8.27 -12.22 8.98
CA SER A 42 8.65 -12.48 10.36
C SER A 42 10.06 -11.93 10.59
N LEU A 43 10.42 -11.79 11.85
CA LEU A 43 11.75 -11.34 12.22
C LEU A 43 12.68 -12.53 12.39
N VAL A 44 13.90 -12.40 11.90
CA VAL A 44 14.93 -13.42 12.10
C VAL A 44 15.50 -13.23 13.50
N GLU A 45 15.41 -14.26 14.32
CA GLU A 45 15.93 -14.23 15.68
C GLU A 45 17.15 -15.13 15.78
N GLU B 18 -16.07 4.58 -12.59
CA GLU B 18 -14.98 4.95 -13.49
C GLU B 18 -13.63 4.48 -12.93
N THR B 19 -12.59 4.79 -13.69
CA THR B 19 -11.23 4.42 -13.35
C THR B 19 -10.32 5.64 -13.41
N THR B 20 -10.81 6.79 -12.95
N THR B 20 -10.81 6.78 -12.94
CA THR B 20 -9.99 7.99 -12.98
CA THR B 20 -9.98 7.98 -12.99
C THR B 20 -8.83 7.86 -12.00
C THR B 20 -8.82 7.82 -12.01
N ASP B 21 -7.66 8.32 -12.41
CA ASP B 21 -6.47 8.22 -11.59
C ASP B 21 -6.73 8.81 -10.21
N GLY B 22 -6.15 8.17 -9.20
CA GLY B 22 -6.19 8.69 -7.86
C GLY B 22 -6.07 7.57 -6.85
N VAL B 23 -6.18 7.97 -5.58
CA VAL B 23 -6.18 7.03 -4.46
C VAL B 23 -7.63 6.85 -4.00
N TYR B 24 -7.98 5.62 -3.65
CA TYR B 24 -9.35 5.21 -3.38
C TYR B 24 -9.40 4.43 -2.09
N ARG B 25 -10.49 4.60 -1.34
CA ARG B 25 -10.83 3.70 -0.26
C ARG B 25 -11.50 2.46 -0.82
N VAL B 26 -11.22 1.30 -0.21
CA VAL B 26 -11.91 0.06 -0.50
C VAL B 26 -12.85 -0.22 0.67
N MET B 27 -14.16 -0.26 0.38
CA MET B 27 -15.19 -0.36 1.39
C MET B 27 -15.99 -1.64 1.20
N THR B 28 -16.60 -2.10 2.30
CA THR B 28 -17.60 -3.15 2.27
C THR B 28 -18.86 -2.68 2.99
N ARG B 29 -20.02 -3.09 2.51
CA ARG B 29 -21.28 -2.72 3.13
C ARG B 29 -22.11 -3.97 3.32
N GLY B 33 -24.41 -0.43 7.31
CA GLY B 33 -23.26 0.47 7.35
C GLY B 33 -22.00 -0.07 6.69
N SER B 34 -21.09 0.83 6.32
N SER B 34 -21.12 0.85 6.33
CA SER B 34 -19.92 0.47 5.54
CA SER B 34 -19.91 0.49 5.59
C SER B 34 -18.64 0.56 6.36
C SER B 34 -18.73 0.31 6.55
N THR B 35 -17.70 -0.33 6.04
CA THR B 35 -16.44 -0.47 6.75
C THR B 35 -15.34 -0.32 5.72
N GLN B 36 -14.30 0.45 6.05
CA GLN B 36 -13.15 0.57 5.18
C GLN B 36 -12.18 -0.57 5.48
N VAL B 37 -11.96 -1.42 4.48
CA VAL B 37 -11.04 -2.54 4.62
C VAL B 37 -9.67 -2.25 4.01
N GLY B 38 -9.55 -1.24 3.17
CA GLY B 38 -8.25 -0.91 2.61
C GLY B 38 -8.31 0.31 1.72
N VAL B 39 -7.29 0.40 0.88
CA VAL B 39 -6.98 1.54 0.04
C VAL B 39 -6.31 1.00 -1.20
N GLY B 40 -6.40 1.73 -2.31
CA GLY B 40 -5.62 1.36 -3.46
C GLY B 40 -5.42 2.51 -4.42
N VAL B 41 -4.70 2.22 -5.49
CA VAL B 41 -4.25 3.22 -6.46
C VAL B 41 -4.83 2.88 -7.83
N MET B 42 -5.47 3.86 -8.45
CA MET B 42 -5.88 3.77 -9.84
C MET B 42 -4.85 4.48 -10.70
N GLN B 43 -4.23 3.76 -11.63
CA GLN B 43 -3.24 4.35 -12.52
C GLN B 43 -3.30 3.59 -13.83
N GLU B 44 -3.36 4.33 -14.95
CA GLU B 44 -3.34 3.72 -16.28
C GLU B 44 -4.48 2.71 -16.45
N GLY B 45 -5.63 3.04 -15.86
CA GLY B 45 -6.81 2.19 -15.97
C GLY B 45 -6.78 0.91 -15.19
N VAL B 46 -5.82 0.74 -14.28
CA VAL B 46 -5.67 -0.46 -13.46
C VAL B 46 -5.77 -0.05 -12.00
N PHE B 47 -6.52 -0.81 -11.21
CA PHE B 47 -6.60 -0.62 -9.78
C PHE B 47 -5.65 -1.57 -9.06
N HIS B 48 -4.85 -1.02 -8.15
CA HIS B 48 -3.78 -1.72 -7.46
C HIS B 48 -4.06 -1.70 -5.95
N THR B 49 -4.04 -2.87 -5.31
CA THR B 49 -4.21 -2.91 -3.87
C THR B 49 -3.48 -4.12 -3.33
N MET B 50 -3.62 -4.34 -2.02
CA MET B 50 -3.01 -5.51 -1.41
C MET B 50 -4.00 -6.66 -1.44
N TRP B 51 -3.49 -7.87 -1.68
N TRP B 51 -3.48 -7.88 -1.66
CA TRP B 51 -4.35 -9.03 -1.77
CA TRP B 51 -4.31 -9.07 -1.76
C TRP B 51 -5.19 -9.19 -0.51
C TRP B 51 -5.15 -9.29 -0.51
N HIS B 52 -4.60 -9.00 0.67
CA HIS B 52 -5.36 -9.25 1.90
C HIS B 52 -6.54 -8.29 2.06
N VAL B 53 -6.57 -7.20 1.31
CA VAL B 53 -7.69 -6.26 1.39
C VAL B 53 -8.94 -6.82 0.73
N THR B 54 -8.80 -7.37 -0.49
CA THR B 54 -9.97 -7.78 -1.25
C THR B 54 -10.04 -9.29 -1.47
N LYS B 55 -8.95 -10.02 -1.25
CA LYS B 55 -8.88 -11.44 -1.59
C LYS B 55 -9.26 -11.69 -3.05
N GLY B 56 -9.07 -10.69 -3.91
CA GLY B 56 -9.37 -10.81 -5.32
C GLY B 56 -10.83 -10.70 -5.68
N ALA B 57 -11.68 -10.30 -4.75
CA ALA B 57 -13.10 -10.16 -5.06
C ALA B 57 -13.29 -8.99 -6.01
N ALA B 58 -14.34 -9.08 -6.82
CA ALA B 58 -14.64 -8.00 -7.75
C ALA B 58 -14.99 -6.73 -6.97
N LEU B 59 -14.72 -5.58 -7.58
CA LEU B 59 -14.95 -4.29 -6.97
C LEU B 59 -15.97 -3.49 -7.75
N ARG B 60 -16.93 -2.90 -7.05
CA ARG B 60 -17.86 -1.97 -7.67
C ARG B 60 -17.23 -0.59 -7.70
N SER B 61 -17.32 0.09 -8.83
CA SER B 61 -16.81 1.45 -8.97
C SER B 61 -17.94 2.23 -9.62
N GLY B 62 -18.66 2.99 -8.83
CA GLY B 62 -19.85 3.64 -9.33
C GLY B 62 -20.86 2.59 -9.77
N GLU B 63 -21.26 2.65 -11.04
CA GLU B 63 -22.18 1.69 -11.61
C GLU B 63 -21.47 0.53 -12.29
N GLY B 64 -20.14 0.55 -12.34
CA GLY B 64 -19.37 -0.45 -13.04
C GLY B 64 -18.75 -1.46 -12.10
N ARG B 65 -18.12 -2.46 -12.70
CA ARG B 65 -17.48 -3.55 -11.97
C ARG B 65 -16.05 -3.70 -12.46
N LEU B 66 -15.12 -3.84 -11.51
CA LEU B 66 -13.71 -4.11 -11.82
C LEU B 66 -13.39 -5.55 -11.43
N ASP B 67 -12.84 -6.31 -12.38
CA ASP B 67 -12.48 -7.70 -12.12
C ASP B 67 -10.99 -7.87 -11.89
N PRO B 68 -10.60 -8.81 -11.01
CA PRO B 68 -9.18 -9.05 -10.79
C PRO B 68 -8.52 -9.59 -12.04
N TYR B 69 -7.31 -9.14 -12.28
CA TYR B 69 -6.54 -9.55 -13.45
C TYR B 69 -5.32 -10.37 -13.09
N TRP B 70 -4.57 -9.92 -12.08
CA TRP B 70 -3.32 -10.55 -11.66
C TRP B 70 -3.22 -10.42 -10.15
N GLY B 71 -2.57 -11.38 -9.51
CA GLY B 71 -2.26 -11.21 -8.11
C GLY B 71 -1.29 -12.27 -7.67
N ASP B 72 -0.78 -12.08 -6.46
CA ASP B 72 0.24 -12.97 -5.90
C ASP B 72 0.11 -12.89 -4.38
N VAL B 73 -0.31 -14.00 -3.76
CA VAL B 73 -0.51 -14.00 -2.32
C VAL B 73 0.80 -13.78 -1.56
N LYS B 74 1.92 -14.26 -2.10
CA LYS B 74 3.19 -14.08 -1.40
C LYS B 74 3.65 -12.62 -1.41
N GLN B 75 3.45 -11.93 -2.54
CA GLN B 75 3.74 -10.50 -2.58
C GLN B 75 2.65 -9.70 -1.89
N ASP B 76 1.50 -10.32 -1.65
CA ASP B 76 0.34 -9.65 -1.06
C ASP B 76 -0.17 -8.51 -1.93
N LEU B 77 -0.25 -8.76 -3.25
CA LEU B 77 -0.68 -7.75 -4.21
C LEU B 77 -1.73 -8.32 -5.15
N VAL B 78 -2.57 -7.43 -5.66
CA VAL B 78 -3.57 -7.75 -6.69
C VAL B 78 -3.80 -6.53 -7.56
N SER B 79 -4.02 -6.77 -8.84
CA SER B 79 -4.42 -5.72 -9.78
C SER B 79 -5.75 -6.08 -10.44
N TYR B 80 -6.50 -5.03 -10.80
CA TYR B 80 -7.81 -5.14 -11.44
C TYR B 80 -7.76 -4.42 -12.78
N CYS B 81 -8.40 -5.00 -13.78
CA CYS B 81 -8.62 -4.45 -15.11
C CYS B 81 -7.42 -4.63 -16.03
N GLY B 82 -6.26 -5.00 -15.53
CA GLY B 82 -5.08 -5.11 -16.34
C GLY B 82 -3.90 -5.47 -15.46
N PRO B 83 -2.73 -5.62 -16.08
CA PRO B 83 -1.51 -5.95 -15.35
C PRO B 83 -1.04 -4.82 -14.46
N TRP B 84 -0.27 -5.20 -13.45
CA TRP B 84 0.32 -4.25 -12.51
C TRP B 84 1.10 -3.18 -13.27
N LYS B 85 0.79 -1.91 -13.00
CA LYS B 85 1.37 -0.79 -13.72
C LYS B 85 2.44 -0.02 -12.93
N LEU B 86 2.49 -0.17 -11.62
CA LEU B 86 3.37 0.67 -10.81
C LEU B 86 4.78 0.09 -10.81
N ASP B 87 5.74 0.86 -11.29
CA ASP B 87 7.10 0.34 -11.42
C ASP B 87 8.16 1.24 -10.81
N ALA B 88 7.81 2.39 -10.25
CA ALA B 88 8.82 3.22 -9.60
C ALA B 88 9.40 2.48 -8.40
N ALA B 89 10.69 2.66 -8.17
CA ALA B 89 11.40 1.99 -7.09
C ALA B 89 12.00 3.02 -6.13
N TRP B 90 11.96 2.69 -4.84
CA TRP B 90 12.69 3.50 -3.87
C TRP B 90 14.17 3.49 -4.20
N ASP B 91 14.80 4.66 -4.12
CA ASP B 91 16.20 4.80 -4.51
C ASP B 91 17.17 4.33 -3.44
N GLY B 92 16.67 3.76 -2.34
CA GLY B 92 17.52 3.31 -1.26
C GLY B 92 18.12 4.41 -0.42
N LEU B 93 17.80 5.66 -0.72
CA LEU B 93 18.52 6.80 -0.18
C LEU B 93 17.62 7.91 0.33
N SER B 94 16.56 8.21 -0.40
CA SER B 94 15.79 9.42 -0.16
C SER B 94 14.61 9.18 0.75
N GLU B 95 14.16 10.27 1.38
CA GLU B 95 12.89 10.23 2.11
C GLU B 95 11.72 10.03 1.15
N VAL B 96 10.65 9.49 1.70
CA VAL B 96 9.44 9.14 0.95
C VAL B 96 8.25 9.71 1.71
N GLN B 97 7.07 9.64 1.08
CA GLN B 97 5.83 10.01 1.75
C GLN B 97 4.83 8.86 1.69
N LEU B 98 4.31 8.49 2.84
CA LEU B 98 3.12 7.67 2.91
C LEU B 98 1.92 8.59 2.72
N LEU B 99 1.12 8.29 1.70
CA LEU B 99 -0.15 8.97 1.51
C LEU B 99 -1.19 8.10 2.22
N ALA B 100 -1.26 8.30 3.54
CA ALA B 100 -2.11 7.48 4.38
C ALA B 100 -3.57 7.87 4.18
N VAL B 101 -4.43 6.87 3.99
CA VAL B 101 -5.87 7.10 3.89
C VAL B 101 -6.53 6.26 4.97
N PRO B 102 -6.50 6.70 6.23
CA PRO B 102 -7.05 5.87 7.29
C PRO B 102 -8.57 5.89 7.27
N PRO B 103 -9.21 4.84 7.78
CA PRO B 103 -10.68 4.85 7.86
C PRO B 103 -11.20 6.08 8.59
N GLY B 104 -12.19 6.72 7.99
CA GLY B 104 -12.83 7.86 8.62
C GLY B 104 -12.02 9.13 8.70
N GLU B 105 -10.84 9.17 8.07
CA GLU B 105 -9.96 10.33 8.12
C GLU B 105 -9.55 10.72 6.72
N ARG B 106 -9.29 12.01 6.53
CA ARG B 106 -8.87 12.49 5.23
C ARG B 106 -7.48 11.96 4.89
N ALA B 107 -7.19 11.86 3.60
CA ALA B 107 -5.86 11.48 3.18
C ALA B 107 -4.85 12.50 3.68
N LYS B 108 -3.70 12.01 4.15
CA LYS B 108 -2.66 12.87 4.68
C LYS B 108 -1.30 12.31 4.29
N ASN B 109 -0.36 13.20 3.98
CA ASN B 109 0.99 12.79 3.62
C ASN B 109 1.88 12.82 4.86
N ILE B 110 2.64 11.74 5.06
CA ILE B 110 3.58 11.60 6.17
C ILE B 110 4.94 11.32 5.56
N GLN B 111 5.91 12.19 5.81
CA GLN B 111 7.24 12.02 5.24
C GLN B 111 8.12 11.28 6.23
N THR B 112 8.96 10.40 5.71
CA THR B 112 9.80 9.55 6.55
C THR B 112 10.98 9.07 5.74
N LEU B 113 12.07 8.74 6.44
CA LEU B 113 13.22 8.06 5.82
C LEU B 113 13.04 6.56 6.04
N PRO B 114 12.86 5.76 5.01
CA PRO B 114 12.67 4.32 5.23
C PRO B 114 13.87 3.68 5.92
N GLY B 115 13.57 2.66 6.71
CA GLY B 115 14.52 1.63 7.06
C GLY B 115 14.56 0.56 5.99
N ILE B 116 15.04 -0.62 6.39
CA ILE B 116 15.33 -1.70 5.46
C ILE B 116 14.86 -3.02 6.07
N PHE B 117 14.14 -3.82 5.27
CA PHE B 117 13.99 -5.25 5.52
C PHE B 117 15.12 -5.95 4.76
N LYS B 118 16.05 -6.58 5.49
CA LYS B 118 17.09 -7.39 4.87
C LYS B 118 16.61 -8.83 4.80
N THR B 119 16.44 -9.34 3.59
CA THR B 119 15.97 -10.70 3.41
C THR B 119 17.02 -11.48 2.62
N LYS B 120 16.85 -12.80 2.60
CA LYS B 120 17.78 -13.62 1.83
C LYS B 120 17.71 -13.32 0.35
N ASP B 121 16.64 -12.64 -0.10
CA ASP B 121 16.43 -12.31 -1.50
C ASP B 121 16.55 -10.80 -1.74
N GLY B 122 17.42 -10.13 -1.00
CA GLY B 122 17.65 -8.72 -1.18
C GLY B 122 16.92 -7.86 -0.16
N ASP B 123 17.25 -6.58 -0.18
CA ASP B 123 16.72 -5.62 0.77
C ASP B 123 15.46 -4.96 0.19
N ILE B 124 14.54 -4.63 1.08
CA ILE B 124 13.29 -3.94 0.77
C ILE B 124 13.21 -2.74 1.70
N GLY B 125 12.95 -1.56 1.12
CA GLY B 125 12.63 -0.41 1.95
C GLY B 125 11.44 -0.69 2.85
N ALA B 126 11.43 -0.06 4.02
CA ALA B 126 10.37 -0.31 5.00
C ALA B 126 10.12 0.92 5.84
N VAL B 127 8.86 1.22 6.11
CA VAL B 127 8.50 2.46 6.78
C VAL B 127 7.93 2.17 8.17
N ALA B 128 8.44 2.89 9.16
CA ALA B 128 8.06 2.69 10.56
C ALA B 128 6.94 3.67 10.94
N LEU B 129 5.75 3.36 10.42
CA LEU B 129 4.56 4.17 10.59
C LEU B 129 3.41 3.22 10.90
N ASP B 130 2.55 3.61 11.85
CA ASP B 130 1.54 2.71 12.40
C ASP B 130 0.16 3.31 12.16
N TYR B 131 -0.69 2.57 11.46
CA TYR B 131 -2.04 3.00 11.11
C TYR B 131 -2.99 1.82 11.25
N PRO B 132 -4.29 2.09 11.32
CA PRO B 132 -5.27 1.00 11.42
C PRO B 132 -5.24 0.04 10.23
N ALA B 133 -5.69 -1.19 10.48
CA ALA B 133 -5.72 -2.24 9.44
C ALA B 133 -6.29 -1.76 8.12
N GLY B 134 -7.38 -0.98 8.16
CA GLY B 134 -8.00 -0.53 6.94
C GLY B 134 -7.27 0.52 6.16
N THR B 135 -6.07 0.92 6.63
CA THR B 135 -5.17 1.78 5.88
C THR B 135 -4.34 0.99 4.88
N SER B 136 -4.41 -0.34 4.94
CA SER B 136 -3.67 -1.21 4.03
C SER B 136 -3.92 -0.83 2.59
N GLY B 137 -2.85 -0.78 1.79
CA GLY B 137 -2.94 -0.40 0.40
C GLY B 137 -2.64 1.06 0.12
N SER B 138 -2.44 1.86 1.17
CA SER B 138 -2.14 3.26 0.96
C SER B 138 -0.81 3.39 0.24
N PRO B 139 -0.69 4.31 -0.72
CA PRO B 139 0.53 4.36 -1.53
C PRO B 139 1.65 5.10 -0.84
N ILE B 140 2.86 4.67 -1.15
CA ILE B 140 4.09 5.32 -0.71
C ILE B 140 4.71 5.97 -1.93
N LEU B 141 5.12 7.23 -1.80
CA LEU B 141 5.48 8.09 -2.91
C LEU B 141 6.94 8.53 -2.84
N ASP B 142 7.54 8.69 -4.02
CA ASP B 142 8.83 9.37 -4.12
C ASP B 142 8.58 10.87 -4.34
N LYS B 143 9.68 11.64 -4.40
CA LYS B 143 9.57 13.09 -4.45
C LYS B 143 8.89 13.58 -5.71
N CYS B 144 8.83 12.76 -6.75
CA CYS B 144 8.13 13.09 -8.00
C CYS B 144 6.67 12.67 -7.99
N GLY B 145 6.18 12.15 -6.87
CA GLY B 145 4.81 11.71 -6.78
C GLY B 145 4.54 10.33 -7.34
N ARG B 146 5.57 9.61 -7.78
CA ARG B 146 5.37 8.27 -8.30
C ARG B 146 5.18 7.28 -7.14
N VAL B 147 4.34 6.28 -7.36
CA VAL B 147 4.06 5.28 -6.34
C VAL B 147 5.16 4.23 -6.36
N ILE B 148 5.97 4.22 -5.30
CA ILE B 148 7.06 3.24 -5.19
C ILE B 148 6.66 1.98 -4.45
N GLY B 149 5.42 1.91 -3.95
CA GLY B 149 4.91 0.69 -3.37
C GLY B 149 3.70 0.99 -2.52
N LEU B 150 3.15 -0.06 -1.93
CA LEU B 150 1.97 0.05 -1.09
C LEU B 150 2.27 -0.35 0.34
N TYR B 151 1.63 0.36 1.27
CA TYR B 151 1.77 0.15 2.72
C TYR B 151 0.84 -0.93 3.22
N GLY B 152 1.33 -1.77 4.13
CA GLY B 152 0.45 -2.61 4.92
C GLY B 152 0.78 -4.08 5.05
N ASN B 153 1.94 -4.51 4.58
CA ASN B 153 2.42 -5.85 4.89
C ASN B 153 3.76 -5.70 5.60
N GLY B 154 3.82 -6.15 6.84
CA GLY B 154 4.94 -5.76 7.67
C GLY B 154 5.15 -6.65 8.87
N VAL B 155 5.87 -6.09 9.84
CA VAL B 155 6.23 -6.79 11.06
C VAL B 155 5.90 -5.90 12.26
N VAL B 156 5.78 -6.55 13.42
CA VAL B 156 5.63 -5.88 14.70
C VAL B 156 6.93 -6.11 15.46
N ILE B 157 7.51 -5.04 15.98
CA ILE B 157 8.79 -5.13 16.69
C ILE B 157 8.53 -5.17 18.20
N LYS B 158 9.60 -5.29 18.98
CA LYS B 158 9.48 -5.64 20.39
C LYS B 158 8.67 -4.62 21.17
N ASN B 159 8.75 -3.33 20.80
CA ASN B 159 8.00 -2.32 21.54
C ASN B 159 6.54 -2.24 21.13
N GLY B 160 6.09 -3.08 20.23
CA GLY B 160 4.71 -3.10 19.78
C GLY B 160 4.43 -2.29 18.53
N SER B 161 5.36 -1.46 18.10
CA SER B 161 5.10 -0.66 16.91
C SER B 161 5.32 -1.49 15.64
N TYR B 162 5.06 -0.85 14.52
CA TYR B 162 4.94 -1.53 13.24
C TYR B 162 5.94 -1.00 12.25
N VAL B 163 6.38 -1.89 11.36
CA VAL B 163 7.21 -1.50 10.23
C VAL B 163 6.64 -2.20 9.00
N SER B 164 6.25 -1.40 8.00
CA SER B 164 5.68 -1.92 6.77
C SER B 164 6.73 -2.00 5.68
N ALA B 165 6.77 -3.12 4.97
CA ALA B 165 7.52 -3.13 3.71
C ALA B 165 6.95 -2.06 2.77
N ILE B 166 7.81 -1.52 1.92
CA ILE B 166 7.38 -0.80 0.70
C ILE B 166 7.18 -1.89 -0.34
N THR B 167 5.94 -2.38 -0.47
CA THR B 167 5.67 -3.52 -1.35
C THR B 167 5.38 -3.03 -2.76
N GLN B 168 6.22 -3.41 -3.72
CA GLN B 168 6.04 -3.03 -5.12
C GLN B 168 5.93 -4.29 -5.97
N GLY B 169 5.08 -4.23 -6.98
CA GLY B 169 4.93 -5.32 -7.94
C GLY B 169 5.89 -5.19 -9.11
N LYS B 170 5.73 -6.09 -10.07
CA LYS B 170 6.52 -6.09 -11.31
C LYS B 170 5.58 -5.69 -12.44
N ARG B 171 6.03 -4.77 -13.29
CA ARG B 171 5.20 -4.31 -14.38
C ARG B 171 5.49 -5.08 -15.68
N1 JVU C . 1.43 -2.02 15.75
C7 JVU C . -2.29 -4.93 8.20
C8 JVU C . -1.61 -6.29 8.02
N2 JVU C . 0.34 -4.07 15.17
C9 JVU C . -2.60 -7.33 7.52
O1 JVU C . -5.38 -2.63 15.49
C1 JVU C . -0.80 -2.68 12.92
C5 JVU C . -1.35 -1.86 9.13
C6 JVU C . -2.04 -2.50 7.94
N3 JVU C . -1.60 -3.88 7.74
C4 JVU C . -1.58 -2.56 10.46
O4 JVU C . -3.38 -4.82 8.77
C3 JVU C . -0.67 -2.00 11.56
O3 JVU C . 1.16 -6.56 8.66
C2 JVU C . 0.66 -2.83 14.96
N4 JVU C . 0.41 -10.70 5.21
N JVU C . 0.24 -2.16 13.80
C JVU C . -2.18 -2.44 13.51
O JVU C . -3.12 -3.15 13.16
C10 JVU C . -2.00 -8.73 7.42
C11 JVU C . -0.96 -8.91 6.34
C12 JVU C . -0.38 -10.31 6.39
C13 JVU C . 0.30 -6.87 9.49
C14 JVU C . 0.71 -7.50 10.82
C15 JVU C . 1.47 -8.83 10.55
C16 JVU C . 2.26 -9.33 11.73
C17 JVU C . 1.64 -9.62 12.95
C18 JVU C . 2.38 -10.01 14.03
C19 JVU C . 3.78 -10.12 13.97
C20 JVU C . 4.58 -10.45 15.10
C21 JVU C . 5.95 -10.52 14.98
C22 JVU C . 6.57 -10.27 13.77
C23 JVU C . 5.83 -9.97 12.66
C24 JVU C . 4.42 -9.87 12.73
C25 JVU C . 3.63 -9.48 11.63
C26 JVU C . -0.71 -7.04 12.77
C27 JVU C . -1.85 -7.58 13.61
C28 JVU C . -1.88 -7.04 15.02
C29 JVU C . -2.76 -6.02 15.36
C30 JVU C . -2.84 -5.53 16.64
C31 JVU C . -3.82 -4.42 16.97
C32 JVU C . -4.18 -2.39 15.64
C33 JVU C . -3.53 -1.11 15.07
C34 JVU C . -3.26 -0.21 16.28
C35 JVU C . -3.11 1.29 16.06
C36 JVU C . -3.83 1.88 14.87
C37 JVU C . -3.45 3.36 14.64
C38 JVU C . -2.90 4.01 15.91
C39 JVU C . -1.62 3.31 16.37
C40 JVU C . -1.68 1.81 16.10
C41 JVU C . -2.01 -6.06 17.63
C42 JVU C . -1.11 -7.06 17.30
C43 JVU C . -1.05 -7.55 16.01
N5 JVU C . -1.01 -6.70 9.29
N6 JVU C . -0.44 -7.74 11.66
N7 JVU C . -3.37 -3.18 16.35
N8 JVU C . -2.28 -1.46 14.41
O2 JVU C . -0.10 -6.01 13.08
#